data_5DEL
#
_entry.id   5DEL
#
_cell.length_a   85.046
_cell.length_b   85.046
_cell.length_c   137.704
_cell.angle_alpha   90.00
_cell.angle_beta   90.00
_cell.angle_gamma   120.00
#
_symmetry.space_group_name_H-M   'P 64'
#
loop_
_entity.id
_entity.type
_entity.pdbx_description
1 polymer 'Dihydroorotate dehydrogenase (quinone), mitochondrial'
2 non-polymer 'FLAVIN MONONUCLEOTIDE'
3 non-polymer 'OROTIC ACID'
4 non-polymer N-(3,5-dichlorophenyl)-2-methyl-3-nitrobenzamide
5 non-polymer GLYCEROL
6 non-polymer 'LAURYL DIMETHYLAMINE-N-OXIDE'
7 water water
#
_entity_poly.entity_id   1
_entity_poly.type   'polypeptide(L)'
_entity_poly.pdbx_seq_one_letter_code
;MGHHHHHHAENLYFQGADPFESYNPEFFLYDIFLKFCLKYIDGEICHDLFLLLGKYNILPYDTSNDSIYACTNIKHLDFI
NPFGVAAGFDKNGVCIDSILKLGFSFIEIGTITPRGQTGNAKPRIFRDVESRSIINSCGFNNMGCDKVTENLILFRKRQE
EDKLLSKHIVGVSIGKNKDTVNIVDDLKYCINKIGRYADYIAINVSSPNTPGLRDNQEAGKLKNIILSVKEEIDNLEKNN
IMNDEFLWFNTTKKKPLVFVKLAPDLNQEQKKEIADVLLETNIDGMIISNTTTQINDIKSFENKKGGVSGAKLKDISTKF
ICEMYNYTNKQIPIIASGGIFSGLDALEKIEAGASVCQLYSCLVFNGMKSAVQIKRELNHLLYQRGYYNLKEAIGRKHSK
S
;
_entity_poly.pdbx_strand_id   A
#
# COMPACT_ATOMS: atom_id res chain seq x y z
N ASN A 24 -4.38 14.89 21.82
CA ASN A 24 -4.03 13.74 22.65
C ASN A 24 -2.55 13.78 23.04
N PRO A 25 -2.25 13.68 24.35
CA PRO A 25 -0.84 13.65 24.79
C PRO A 25 -0.04 12.51 24.17
N GLU A 26 -0.57 11.28 24.23
CA GLU A 26 0.16 10.09 23.78
C GLU A 26 0.81 10.25 22.41
N PHE A 27 0.07 10.85 21.48
CA PHE A 27 0.60 11.10 20.14
C PHE A 27 1.74 12.11 20.20
N PHE A 28 1.58 13.12 21.03
CA PHE A 28 2.58 14.14 21.19
C PHE A 28 3.88 13.63 21.75
N LEU A 29 3.82 12.80 22.77
CA LEU A 29 5.01 12.23 23.32
C LEU A 29 5.73 11.38 22.28
N TYR A 30 4.99 10.57 21.54
CA TYR A 30 5.58 9.72 20.52
C TYR A 30 6.17 10.54 19.40
N ASP A 31 5.51 11.61 19.02
CA ASP A 31 6.02 12.44 17.96
C ASP A 31 7.36 13.04 18.40
N ILE A 32 7.48 13.37 19.67
CA ILE A 32 8.73 13.88 20.22
C ILE A 32 9.82 12.81 20.22
N PHE A 33 9.47 11.63 20.67
CA PHE A 33 10.38 10.51 20.71
C PHE A 33 10.81 10.15 19.32
N LEU A 34 9.90 10.28 18.38
CA LEU A 34 10.21 9.93 17.00
C LEU A 34 11.21 10.92 16.39
N LYS A 35 10.90 12.21 16.50
CA LYS A 35 11.79 13.27 16.03
C LYS A 35 13.18 13.14 16.66
N PHE A 36 13.20 12.76 17.93
CA PHE A 36 14.45 12.60 18.67
C PHE A 36 15.31 11.48 18.07
N CYS A 37 14.70 10.31 17.93
CA CYS A 37 15.40 9.14 17.42
C CYS A 37 16.01 9.38 16.04
N LEU A 38 15.31 10.15 15.20
CA LEU A 38 15.72 10.33 13.81
C LEU A 38 16.86 11.34 13.65
N LYS A 39 17.07 12.19 14.63
CA LYS A 39 18.20 13.11 14.59
C LYS A 39 19.51 12.34 14.76
N TYR A 40 19.44 11.24 15.51
CA TYR A 40 20.63 10.50 15.91
C TYR A 40 20.77 9.13 15.26
N ILE A 41 19.68 8.37 15.20
CA ILE A 41 19.73 6.96 14.83
C ILE A 41 19.37 6.74 13.36
N ASP A 42 19.98 5.69 12.78
CA ASP A 42 19.69 5.29 11.40
C ASP A 42 18.21 5.09 11.15
N GLY A 43 17.76 5.46 9.96
CA GLY A 43 16.34 5.46 9.62
C GLY A 43 15.67 4.11 9.78
N GLU A 44 16.26 3.08 9.18
CA GLU A 44 15.65 1.76 9.20
C GLU A 44 15.68 1.16 10.61
N ILE A 45 16.69 1.53 11.39
CA ILE A 45 16.76 1.11 12.78
C ILE A 45 15.59 1.71 13.57
N CYS A 46 15.30 2.98 13.30
CA CYS A 46 14.16 3.66 13.93
C CYS A 46 12.85 3.00 13.54
N HIS A 47 12.73 2.67 12.26
CA HIS A 47 11.54 1.99 11.75
C HIS A 47 11.32 0.68 12.49
N ASP A 48 12.36 -0.12 12.58
CA ASP A 48 12.28 -1.42 13.23
C ASP A 48 11.94 -1.28 14.72
N LEU A 49 12.42 -0.20 15.33
CA LEU A 49 12.13 0.07 16.73
C LEU A 49 10.64 0.33 16.94
N PHE A 50 10.08 1.20 16.11
CA PHE A 50 8.68 1.57 16.27
C PHE A 50 7.76 0.41 15.88
N LEU A 51 8.20 -0.44 14.97
CA LEU A 51 7.48 -1.67 14.66
C LEU A 51 7.45 -2.56 15.88
N LEU A 52 8.55 -2.56 16.64
CA LEU A 52 8.65 -3.35 17.84
C LEU A 52 7.73 -2.78 18.93
N LEU A 53 7.68 -1.46 19.05
CA LEU A 53 6.77 -0.80 19.97
C LEU A 53 5.34 -1.19 19.65
N GLY A 54 5.03 -1.23 18.36
CA GLY A 54 3.69 -1.59 17.91
C GLY A 54 3.39 -3.06 18.11
N LYS A 55 4.41 -3.90 17.93
CA LYS A 55 4.25 -5.34 18.12
C LYS A 55 3.83 -5.69 19.55
N TYR A 56 4.32 -4.87 20.46
CA TYR A 56 4.07 -5.00 21.86
C TYR A 56 2.90 -4.15 22.38
N ASN A 57 2.18 -3.52 21.48
CA ASN A 57 1.02 -2.75 21.74
C ASN A 57 1.15 -1.58 22.69
N ILE A 58 2.23 -0.83 22.51
CA ILE A 58 2.52 0.34 23.32
C ILE A 58 2.27 1.64 22.56
N LEU A 59 1.69 1.54 21.37
CA LEU A 59 1.43 2.71 20.57
C LEU A 59 0.03 3.27 20.82
N PRO A 60 -0.18 4.57 20.42
CA PRO A 60 -1.52 5.12 20.68
C PRO A 60 -2.62 4.61 19.77
N TYR A 61 -3.84 4.77 20.24
CA TYR A 61 -5.00 4.43 19.48
C TYR A 61 -5.84 5.62 19.11
N ASP A 62 -6.37 5.58 17.91
CA ASP A 62 -7.43 6.49 17.48
C ASP A 62 -8.75 5.74 17.57
N THR A 63 -9.50 5.98 18.64
CA THR A 63 -10.74 5.26 18.90
C THR A 63 -11.96 6.03 18.42
N SER A 64 -11.73 7.10 17.66
CA SER A 64 -12.82 7.96 17.22
C SER A 64 -13.63 7.34 16.09
N ASN A 65 -14.93 7.66 16.05
CA ASN A 65 -15.77 7.30 14.91
C ASN A 65 -15.31 8.07 13.68
N ASP A 66 -15.12 7.36 12.56
CA ASP A 66 -14.78 8.02 11.32
C ASP A 66 -16.03 8.60 10.67
N SER A 67 -15.86 9.72 9.99
CA SER A 67 -16.96 10.38 9.31
C SER A 67 -17.68 9.42 8.36
N ILE A 68 -19.00 9.39 8.45
CA ILE A 68 -19.79 8.54 7.56
C ILE A 68 -19.77 9.08 6.14
N TYR A 69 -19.25 10.29 5.98
CA TYR A 69 -19.20 10.95 4.67
C TYR A 69 -17.83 10.83 4.01
N ALA A 70 -16.91 10.12 4.66
CA ALA A 70 -15.56 9.94 4.14
C ALA A 70 -15.25 8.46 3.89
N CYS A 71 -16.21 7.59 4.17
CA CYS A 71 -16.05 6.18 3.85
C CYS A 71 -15.98 6.04 2.34
N THR A 72 -15.40 4.94 1.87
CA THR A 72 -15.24 4.71 0.44
C THR A 72 -15.21 3.22 0.15
N ASN A 73 -14.99 2.88 -1.11
CA ASN A 73 -14.97 1.48 -1.52
C ASN A 73 -14.26 1.27 -2.84
N ILE A 74 -13.92 0.01 -3.08
CA ILE A 74 -13.43 -0.42 -4.38
C ILE A 74 -14.18 -1.69 -4.71
N LYS A 75 -15.18 -1.54 -5.58
CA LYS A 75 -16.16 -2.60 -5.82
C LYS A 75 -16.79 -2.96 -4.47
N HIS A 76 -16.89 -4.24 -4.14
CA HIS A 76 -17.60 -4.64 -2.92
C HIS A 76 -16.69 -4.64 -1.69
N LEU A 77 -15.53 -4.00 -1.82
CA LEU A 77 -14.58 -3.86 -0.71
C LEU A 77 -14.76 -2.52 -0.02
N ASP A 78 -15.23 -2.52 1.22
CA ASP A 78 -15.60 -1.30 1.94
C ASP A 78 -14.53 -0.80 2.90
N PHE A 79 -14.17 0.47 2.76
CA PHE A 79 -13.23 1.13 3.65
C PHE A 79 -13.96 2.10 4.57
N ILE A 80 -13.71 1.99 5.88
CA ILE A 80 -14.39 2.83 6.85
C ILE A 80 -13.91 4.28 6.77
N ASN A 81 -12.68 4.45 6.28
CA ASN A 81 -12.16 5.78 5.97
C ASN A 81 -11.19 5.62 4.80
N PRO A 82 -10.77 6.74 4.18
CA PRO A 82 -10.06 6.65 2.90
C PRO A 82 -8.53 6.52 3.00
N PHE A 83 -8.00 6.33 4.21
CA PHE A 83 -6.54 6.29 4.39
C PHE A 83 -6.04 4.96 4.93
N GLY A 84 -5.03 4.41 4.25
CA GLY A 84 -4.35 3.22 4.70
C GLY A 84 -2.86 3.37 4.59
N VAL A 85 -2.13 2.34 5.00
CA VAL A 85 -0.67 2.35 4.94
C VAL A 85 -0.21 1.54 3.74
N ALA A 86 0.70 2.11 2.97
CA ALA A 86 1.16 1.47 1.74
C ALA A 86 2.06 0.29 2.03
N ALA A 87 2.33 -0.51 1.01
CA ALA A 87 3.24 -1.63 1.12
C ALA A 87 4.64 -1.14 1.47
N GLY A 88 5.42 -2.01 2.11
CA GLY A 88 6.80 -1.69 2.44
C GLY A 88 6.99 -1.20 3.85
N PHE A 89 5.88 -0.88 4.50
CA PHE A 89 5.93 -0.33 5.85
C PHE A 89 6.05 -1.47 6.86
N ASP A 90 5.03 -2.33 6.88
CA ASP A 90 5.07 -3.56 7.66
C ASP A 90 5.19 -4.73 6.69
N LYS A 91 6.40 -4.94 6.19
CA LYS A 91 6.66 -5.96 5.19
C LYS A 91 6.27 -7.35 5.65
N ASN A 92 6.48 -7.62 6.94
CA ASN A 92 6.27 -8.97 7.49
C ASN A 92 5.00 -9.11 8.32
N GLY A 93 4.19 -8.08 8.36
CA GLY A 93 2.95 -8.10 9.11
C GLY A 93 3.14 -8.45 10.58
N VAL A 94 4.18 -7.88 11.20
CA VAL A 94 4.44 -8.10 12.62
C VAL A 94 3.80 -7.01 13.48
N CYS A 95 3.11 -6.07 12.84
CA CYS A 95 2.66 -4.85 13.49
C CYS A 95 1.31 -4.36 12.96
N ILE A 96 0.48 -5.29 12.50
CA ILE A 96 -0.76 -4.93 11.81
C ILE A 96 -1.78 -4.26 12.75
N ASP A 97 -1.99 -4.84 13.93
CA ASP A 97 -2.95 -4.29 14.89
C ASP A 97 -2.67 -2.83 15.22
N SER A 98 -1.44 -2.55 15.63
CA SER A 98 -1.08 -1.23 16.13
C SER A 98 -1.07 -0.15 15.07
N ILE A 99 -0.64 -0.50 13.85
CA ILE A 99 -0.63 0.47 12.77
C ILE A 99 -2.06 0.82 12.37
N LEU A 100 -2.92 -0.18 12.30
CA LEU A 100 -4.32 0.06 11.97
C LEU A 100 -4.99 0.92 13.03
N LYS A 101 -4.71 0.62 14.30
CA LYS A 101 -5.37 1.30 15.39
C LYS A 101 -4.90 2.75 15.55
N LEU A 102 -3.93 3.16 14.73
CA LEU A 102 -3.52 4.56 14.68
C LEU A 102 -4.56 5.41 13.96
N GLY A 103 -5.48 4.74 13.26
CA GLY A 103 -6.60 5.42 12.63
C GLY A 103 -6.75 5.11 11.15
N PHE A 104 -6.00 4.13 10.67
CA PHE A 104 -6.06 3.75 9.27
C PHE A 104 -7.15 2.70 9.03
N SER A 105 -7.79 2.79 7.87
CA SER A 105 -8.83 1.83 7.51
C SER A 105 -8.24 0.53 6.99
N PHE A 106 -7.01 0.58 6.50
CA PHE A 106 -6.37 -0.63 6.01
C PHE A 106 -4.85 -0.51 5.93
N ILE A 107 -4.22 -1.67 5.77
CA ILE A 107 -2.78 -1.72 5.57
C ILE A 107 -2.46 -2.78 4.52
N GLU A 108 -1.46 -2.49 3.71
CA GLU A 108 -0.98 -3.42 2.71
C GLU A 108 0.36 -3.97 3.16
N ILE A 109 0.37 -5.19 3.69
CA ILE A 109 1.62 -5.78 4.16
C ILE A 109 2.41 -6.33 2.97
N GLY A 110 3.67 -6.64 3.21
CA GLY A 110 4.58 -7.00 2.14
C GLY A 110 5.32 -5.76 1.64
N THR A 111 5.90 -5.82 0.45
CA THR A 111 5.83 -6.98 -0.43
C THR A 111 6.53 -8.22 0.14
N ILE A 112 5.88 -9.36 0.00
CA ILE A 112 6.45 -10.63 0.41
C ILE A 112 6.91 -11.44 -0.79
N THR A 113 7.79 -12.40 -0.52
CA THR A 113 8.25 -13.34 -1.53
C THR A 113 8.11 -14.74 -0.94
N PRO A 114 8.10 -15.77 -1.80
CA PRO A 114 7.93 -17.15 -1.31
C PRO A 114 8.93 -17.52 -0.23
N ARG A 115 10.20 -17.21 -0.45
CA ARG A 115 11.26 -17.53 0.49
C ARG A 115 11.75 -16.29 1.22
N GLY A 116 12.21 -16.49 2.46
CA GLY A 116 12.80 -15.41 3.23
C GLY A 116 13.96 -14.80 2.47
N GLN A 117 14.21 -13.52 2.70
CA GLN A 117 15.15 -12.77 1.89
C GLN A 117 15.71 -11.56 2.65
N THR A 118 17.01 -11.32 2.53
CA THR A 118 17.69 -10.29 3.31
C THR A 118 17.54 -8.89 2.75
N GLY A 119 17.48 -8.78 1.42
CA GLY A 119 17.46 -7.50 0.75
C GLY A 119 18.87 -7.01 0.48
N ASN A 120 18.99 -5.78 -0.01
CA ASN A 120 20.30 -5.24 -0.36
C ASN A 120 21.07 -4.77 0.87
N ALA A 121 22.30 -4.31 0.64
CA ALA A 121 23.19 -3.90 1.73
C ALA A 121 22.68 -2.66 2.47
N LYS A 122 22.82 -2.68 3.79
CA LYS A 122 22.47 -1.53 4.62
C LYS A 122 23.65 -0.57 4.74
N PRO A 123 23.39 0.73 4.96
CA PRO A 123 22.07 1.36 5.01
C PRO A 123 21.43 1.47 3.63
N ARG A 124 20.11 1.35 3.57
CA ARG A 124 19.40 1.27 2.31
C ARG A 124 18.15 2.17 2.31
N ILE A 125 18.03 3.01 3.33
CA ILE A 125 16.96 4.01 3.37
C ILE A 125 17.50 5.34 3.87
N PHE A 126 17.21 6.41 3.12
CA PHE A 126 17.69 7.74 3.46
C PHE A 126 16.59 8.78 3.26
N ARG A 127 16.46 9.69 4.23
CA ARG A 127 15.49 10.78 4.14
C ARG A 127 16.16 12.09 3.75
N ASP A 128 15.40 12.96 3.10
CA ASP A 128 15.77 14.37 2.95
C ASP A 128 14.65 15.21 3.54
N VAL A 129 14.87 15.71 4.74
CA VAL A 129 13.82 16.32 5.54
C VAL A 129 13.18 17.55 4.89
N GLU A 130 14.00 18.47 4.39
CA GLU A 130 13.50 19.70 3.82
C GLU A 130 12.65 19.43 2.57
N SER A 131 13.04 18.42 1.81
CA SER A 131 12.32 18.04 0.60
C SER A 131 11.10 17.17 0.93
N ARG A 132 11.05 16.67 2.16
CA ARG A 132 10.02 15.71 2.57
C ARG A 132 10.00 14.52 1.61
N SER A 133 11.19 14.09 1.20
CA SER A 133 11.33 12.95 0.30
C SER A 133 12.21 11.87 0.91
N ILE A 134 12.03 10.64 0.41
CA ILE A 134 12.78 9.49 0.87
C ILE A 134 13.32 8.76 -0.35
N ILE A 135 14.42 8.05 -0.18
CA ILE A 135 14.95 7.17 -1.21
C ILE A 135 15.30 5.83 -0.57
N ASN A 136 15.01 4.73 -1.25
CA ASN A 136 15.26 3.41 -0.70
C ASN A 136 15.68 2.38 -1.72
N SER A 137 16.52 1.45 -1.28
CA SER A 137 16.96 0.33 -2.09
C SER A 137 16.90 -0.95 -1.25
N CYS A 138 15.76 -1.16 -0.61
CA CYS A 138 15.58 -2.27 0.32
C CYS A 138 15.76 -3.62 -0.37
N GLY A 139 15.14 -3.79 -1.54
CA GLY A 139 15.28 -5.01 -2.31
C GLY A 139 14.45 -6.17 -1.78
N PHE A 140 13.22 -5.89 -1.36
CA PHE A 140 12.29 -6.93 -0.91
C PHE A 140 12.82 -7.75 0.26
N ASN A 141 13.32 -7.08 1.30
CA ASN A 141 13.64 -7.78 2.54
C ASN A 141 12.35 -8.22 3.23
N ASN A 142 12.23 -9.52 3.50
CA ASN A 142 11.08 -10.03 4.23
C ASN A 142 11.31 -11.44 4.76
N MET A 143 10.52 -11.85 5.75
CA MET A 143 10.71 -13.14 6.41
C MET A 143 10.24 -14.31 5.55
N GLY A 144 9.66 -14.01 4.40
CA GLY A 144 9.15 -15.03 3.50
C GLY A 144 7.68 -15.29 3.69
N CYS A 145 7.07 -15.89 2.68
CA CYS A 145 5.62 -16.07 2.65
C CYS A 145 5.08 -16.91 3.81
N ASP A 146 5.77 -18.01 4.13
CA ASP A 146 5.28 -18.92 5.16
C ASP A 146 5.22 -18.26 6.54
N LYS A 147 6.28 -17.53 6.90
CA LYS A 147 6.35 -16.85 8.18
C LYS A 147 5.31 -15.72 8.25
N VAL A 148 5.23 -14.94 7.17
CA VAL A 148 4.31 -13.81 7.14
C VAL A 148 2.86 -14.29 7.12
N THR A 149 2.62 -15.43 6.50
CA THR A 149 1.29 -16.02 6.52
C THR A 149 0.88 -16.35 7.95
N GLU A 150 1.80 -16.95 8.70
CA GLU A 150 1.51 -17.30 10.09
C GLU A 150 1.25 -16.04 10.92
N ASN A 151 1.98 -14.98 10.61
CA ASN A 151 1.77 -13.69 11.29
C ASN A 151 0.38 -13.15 10.98
N LEU A 152 -0.03 -13.24 9.72
CA LEU A 152 -1.33 -12.73 9.31
C LEU A 152 -2.44 -13.57 9.92
N ILE A 153 -2.22 -14.87 10.01
CA ILE A 153 -3.21 -15.76 10.62
C ILE A 153 -3.42 -15.39 12.08
N LEU A 154 -2.33 -15.09 12.77
CA LEU A 154 -2.41 -14.67 14.16
C LEU A 154 -3.14 -13.34 14.30
N PHE A 155 -2.88 -12.42 13.37
CA PHE A 155 -3.63 -11.16 13.36
C PHE A 155 -5.13 -11.43 13.20
N ARG A 156 -5.48 -12.31 12.28
CA ARG A 156 -6.87 -12.58 11.96
C ARG A 156 -7.62 -13.12 13.18
N LYS A 157 -6.93 -13.92 13.98
CA LYS A 157 -7.52 -14.45 15.21
C LYS A 157 -7.68 -13.35 16.24
N ARG A 158 -6.75 -12.41 16.27
CA ARG A 158 -6.87 -11.25 17.15
C ARG A 158 -8.00 -10.34 16.70
N GLN A 159 -8.08 -10.12 15.40
CA GLN A 159 -9.12 -9.28 14.82
C GLN A 159 -10.50 -9.75 15.26
N GLU A 160 -10.67 -11.06 15.35
CA GLU A 160 -11.94 -11.66 15.75
C GLU A 160 -12.38 -11.22 17.16
N GLU A 161 -11.40 -10.84 17.99
CA GLU A 161 -11.65 -10.56 19.39
C GLU A 161 -11.39 -9.11 19.78
N ASP A 162 -11.12 -8.26 18.80
CA ASP A 162 -10.77 -6.86 19.05
C ASP A 162 -11.81 -5.93 18.41
N LYS A 163 -12.52 -5.17 19.24
CA LYS A 163 -13.52 -4.22 18.76
C LYS A 163 -12.96 -3.24 17.75
N LEU A 164 -11.71 -2.84 17.97
CA LEU A 164 -11.09 -1.80 17.16
C LEU A 164 -10.58 -2.29 15.82
N LEU A 165 -10.56 -3.61 15.61
CA LEU A 165 -10.02 -4.19 14.38
C LEU A 165 -11.09 -4.67 13.40
N SER A 166 -12.34 -4.67 13.84
CA SER A 166 -13.44 -5.07 12.96
C SER A 166 -13.53 -4.12 11.77
N LYS A 167 -13.91 -4.66 10.62
CA LYS A 167 -14.09 -3.89 9.38
C LYS A 167 -12.79 -3.26 8.84
N HIS A 168 -11.66 -3.55 9.47
CA HIS A 168 -10.38 -3.08 8.96
C HIS A 168 -9.86 -4.05 7.91
N ILE A 169 -9.29 -3.51 6.85
CA ILE A 169 -8.86 -4.32 5.71
C ILE A 169 -7.35 -4.56 5.72
N VAL A 170 -6.95 -5.76 5.31
CA VAL A 170 -5.55 -6.09 5.15
C VAL A 170 -5.32 -6.68 3.76
N GLY A 171 -4.56 -5.96 2.95
CA GLY A 171 -4.14 -6.47 1.66
C GLY A 171 -2.75 -7.03 1.77
N VAL A 172 -2.37 -7.87 0.81
CA VAL A 172 -1.04 -8.46 0.79
C VAL A 172 -0.37 -8.20 -0.54
N SER A 173 0.76 -7.49 -0.50
CA SER A 173 1.56 -7.25 -1.69
C SER A 173 2.50 -8.44 -1.92
N ILE A 174 2.48 -8.98 -3.12
CA ILE A 174 3.28 -10.16 -3.46
C ILE A 174 4.23 -9.89 -4.62
N GLY A 175 5.40 -10.52 -4.56
CA GLY A 175 6.42 -10.33 -5.58
C GLY A 175 7.28 -11.56 -5.73
N LYS A 176 8.47 -11.39 -6.27
CA LYS A 176 9.38 -12.52 -6.53
C LYS A 176 10.70 -12.37 -5.79
N ASN A 177 11.30 -13.51 -5.45
CA ASN A 177 12.63 -13.51 -4.87
C ASN A 177 13.65 -12.97 -5.87
N LYS A 178 14.76 -12.47 -5.34
CA LYS A 178 15.81 -11.82 -6.12
C LYS A 178 16.28 -12.67 -7.31
N ASP A 179 16.48 -13.96 -7.06
CA ASP A 179 17.03 -14.87 -8.06
C ASP A 179 15.98 -15.70 -8.77
N THR A 180 14.71 -15.33 -8.61
CA THR A 180 13.63 -16.03 -9.28
C THR A 180 13.56 -15.63 -10.75
N VAL A 181 13.51 -16.62 -11.63
CA VAL A 181 13.38 -16.37 -13.06
C VAL A 181 11.92 -16.21 -13.44
N ASN A 182 11.09 -17.18 -13.05
CA ASN A 182 9.65 -17.12 -13.32
C ASN A 182 8.88 -16.42 -12.21
N ILE A 183 8.54 -15.15 -12.44
CA ILE A 183 7.80 -14.36 -11.46
C ILE A 183 6.46 -15.02 -11.15
N VAL A 184 5.79 -15.53 -12.17
CA VAL A 184 4.46 -16.12 -12.01
C VAL A 184 4.46 -17.29 -11.02
N ASP A 185 5.52 -18.09 -11.03
CA ASP A 185 5.63 -19.21 -10.11
C ASP A 185 5.67 -18.70 -8.66
N ASP A 186 6.33 -17.56 -8.46
CA ASP A 186 6.43 -16.96 -7.13
C ASP A 186 5.09 -16.38 -6.71
N LEU A 187 4.41 -15.70 -7.64
CA LEU A 187 3.11 -15.12 -7.35
C LEU A 187 2.10 -16.21 -7.01
N LYS A 188 2.08 -17.28 -7.81
CA LYS A 188 1.19 -18.41 -7.58
C LYS A 188 1.42 -19.01 -6.19
N TYR A 189 2.69 -19.17 -5.82
CA TYR A 189 3.03 -19.75 -4.53
C TYR A 189 2.45 -18.92 -3.38
N CYS A 190 2.64 -17.61 -3.45
CA CYS A 190 2.19 -16.72 -2.39
C CYS A 190 0.67 -16.79 -2.22
N ILE A 191 -0.05 -16.77 -3.34
CA ILE A 191 -1.51 -16.80 -3.33
C ILE A 191 -2.04 -18.06 -2.64
N ASN A 192 -1.46 -19.20 -2.97
CA ASN A 192 -1.91 -20.46 -2.40
C ASN A 192 -1.63 -20.54 -0.90
N LYS A 193 -0.63 -19.80 -0.46
CA LYS A 193 -0.23 -19.84 0.95
C LYS A 193 -1.00 -18.83 1.79
N ILE A 194 -1.15 -17.60 1.30
CA ILE A 194 -1.69 -16.50 2.10
C ILE A 194 -2.99 -15.90 1.55
N GLY A 195 -3.41 -16.37 0.39
CA GLY A 195 -4.60 -15.82 -0.26
C GLY A 195 -5.85 -15.84 0.59
N ARG A 196 -6.02 -16.91 1.38
CA ARG A 196 -7.22 -17.09 2.20
C ARG A 196 -7.39 -16.00 3.25
N TYR A 197 -6.27 -15.40 3.65
CA TYR A 197 -6.27 -14.46 4.76
C TYR A 197 -6.17 -13.02 4.29
N ALA A 198 -6.25 -12.82 2.98
CA ALA A 198 -6.10 -11.50 2.39
C ALA A 198 -7.43 -10.96 1.90
N ASP A 199 -7.66 -9.67 2.13
CA ASP A 199 -8.85 -9.00 1.61
C ASP A 199 -8.63 -8.60 0.16
N TYR A 200 -7.37 -8.34 -0.19
CA TYR A 200 -6.99 -8.16 -1.58
C TYR A 200 -5.51 -8.47 -1.77
N ILE A 201 -5.15 -8.77 -3.00
CA ILE A 201 -3.77 -9.08 -3.36
C ILE A 201 -3.23 -7.99 -4.27
N ALA A 202 -2.05 -7.48 -3.93
CA ALA A 202 -1.37 -6.48 -4.75
C ALA A 202 -0.21 -7.11 -5.49
N ILE A 203 -0.31 -7.14 -6.82
CA ILE A 203 0.76 -7.63 -7.66
C ILE A 203 1.82 -6.55 -7.82
N ASN A 204 2.99 -6.76 -7.22
CA ASN A 204 4.07 -5.78 -7.31
C ASN A 204 5.02 -6.07 -8.46
N VAL A 205 4.90 -5.26 -9.51
CA VAL A 205 5.77 -5.34 -10.68
C VAL A 205 6.43 -3.98 -10.92
N SER A 206 6.53 -3.16 -9.87
CA SER A 206 6.94 -1.77 -10.01
C SER A 206 8.11 -1.38 -9.10
N SER A 207 8.59 -2.33 -8.29
CA SER A 207 9.77 -2.07 -7.46
C SER A 207 10.98 -1.79 -8.34
N PRO A 208 11.72 -0.70 -8.06
CA PRO A 208 12.93 -0.41 -8.83
C PRO A 208 14.18 -1.09 -8.28
N ASN A 209 14.03 -1.83 -7.18
CA ASN A 209 15.16 -2.42 -6.48
C ASN A 209 15.30 -3.92 -6.73
N THR A 210 14.58 -4.41 -7.73
CA THR A 210 14.73 -5.79 -8.20
C THR A 210 14.93 -5.74 -9.71
N PRO A 211 16.16 -6.00 -10.19
CA PRO A 211 16.45 -5.84 -11.62
C PRO A 211 15.51 -6.62 -12.54
N GLY A 212 15.01 -5.96 -13.56
CA GLY A 212 14.19 -6.59 -14.57
C GLY A 212 12.76 -6.86 -14.13
N LEU A 213 12.41 -6.46 -12.92
CA LEU A 213 11.05 -6.66 -12.42
C LEU A 213 10.05 -5.78 -13.17
N ARG A 214 10.46 -4.54 -13.44
CA ARG A 214 9.59 -3.58 -14.11
CA ARG A 214 9.60 -3.58 -14.10
C ARG A 214 9.31 -3.97 -15.55
N ASP A 215 10.15 -4.84 -16.11
CA ASP A 215 9.95 -5.35 -17.46
C ASP A 215 8.62 -6.10 -17.56
N ASN A 216 8.15 -6.60 -16.42
CA ASN A 216 6.89 -7.35 -16.36
C ASN A 216 5.66 -6.45 -16.52
N GLN A 217 5.88 -5.15 -16.62
CA GLN A 217 4.80 -4.22 -16.92
C GLN A 217 4.47 -4.21 -18.40
N GLU A 218 5.30 -4.90 -19.19
CA GLU A 218 5.02 -5.10 -20.60
C GLU A 218 3.66 -5.77 -20.77
N ALA A 219 2.87 -5.28 -21.72
CA ALA A 219 1.47 -5.69 -21.86
C ALA A 219 1.28 -7.20 -21.86
N GLY A 220 2.07 -7.89 -22.66
CA GLY A 220 1.97 -9.34 -22.77
C GLY A 220 2.26 -10.04 -21.47
N LYS A 221 3.41 -9.73 -20.86
CA LYS A 221 3.81 -10.34 -19.60
C LYS A 221 2.80 -10.01 -18.50
N LEU A 222 2.38 -8.75 -18.45
CA LEU A 222 1.45 -8.28 -17.44
C LEU A 222 0.11 -8.99 -17.53
N LYS A 223 -0.39 -9.11 -18.75
CA LYS A 223 -1.68 -9.77 -18.98
C LYS A 223 -1.62 -11.22 -18.51
N ASN A 224 -0.55 -11.91 -18.86
CA ASN A 224 -0.35 -13.28 -18.42
C ASN A 224 -0.19 -13.38 -16.91
N ILE A 225 0.44 -12.37 -16.32
CA ILE A 225 0.64 -12.33 -14.88
C ILE A 225 -0.69 -12.18 -14.15
N ILE A 226 -1.50 -11.22 -14.58
CA ILE A 226 -2.80 -10.97 -13.97
C ILE A 226 -3.71 -12.20 -14.06
N LEU A 227 -3.75 -12.85 -15.21
CA LEU A 227 -4.62 -13.99 -15.41
C LEU A 227 -4.17 -15.20 -14.57
N SER A 228 -2.86 -15.39 -14.44
CA SER A 228 -2.34 -16.46 -13.60
C SER A 228 -2.71 -16.22 -12.15
N VAL A 229 -2.63 -14.96 -11.74
CA VAL A 229 -2.97 -14.57 -10.37
C VAL A 229 -4.45 -14.82 -10.10
N LYS A 230 -5.30 -14.28 -10.96
CA LYS A 230 -6.74 -14.45 -10.81
C LYS A 230 -7.12 -15.93 -10.81
N GLU A 231 -6.38 -16.72 -11.57
CA GLU A 231 -6.67 -18.14 -11.70
C GLU A 231 -6.37 -18.93 -10.42
N GLU A 232 -5.27 -18.60 -9.75
CA GLU A 232 -4.93 -19.28 -8.50
C GLU A 232 -5.91 -18.93 -7.39
N ILE A 233 -6.33 -17.67 -7.36
CA ILE A 233 -7.30 -17.21 -6.37
C ILE A 233 -8.62 -17.96 -6.56
N ASP A 234 -9.07 -18.06 -7.80
CA ASP A 234 -10.31 -18.78 -8.11
C ASP A 234 -10.18 -20.26 -7.73
N ASN A 235 -8.97 -20.79 -7.82
CA ASN A 235 -8.73 -22.20 -7.54
C ASN A 235 -8.72 -22.53 -6.05
N LEU A 236 -8.42 -21.54 -5.21
CA LEU A 236 -8.51 -21.72 -3.76
C LEU A 236 -9.92 -22.12 -3.37
N GLU A 237 -10.89 -21.52 -4.03
CA GLU A 237 -12.30 -21.71 -3.69
C GLU A 237 -12.82 -23.07 -4.13
N LYS A 238 -12.32 -23.56 -5.26
CA LYS A 238 -12.83 -24.79 -5.85
C LYS A 238 -12.34 -26.04 -5.12
N ASN A 239 -11.06 -26.09 -4.78
CA ASN A 239 -10.49 -27.25 -4.09
C ASN A 239 -11.00 -27.38 -2.66
N ASN A 240 -11.60 -26.32 -2.14
CA ASN A 240 -12.09 -26.29 -0.77
C ASN A 240 -13.47 -26.94 -0.61
N ILE A 241 -13.72 -27.51 0.57
CA ILE A 241 -15.00 -28.13 0.87
C ILE A 241 -15.81 -27.33 1.90
N MET A 242 -15.13 -26.45 2.63
CA MET A 242 -15.76 -25.67 3.69
C MET A 242 -16.68 -24.58 3.16
N ASN A 243 -17.58 -24.10 4.02
CA ASN A 243 -18.32 -22.87 3.76
C ASN A 243 -17.35 -21.72 3.53
N ASP A 244 -17.83 -20.66 2.88
CA ASP A 244 -17.02 -19.46 2.71
C ASP A 244 -16.69 -18.84 4.07
N GLU A 245 -17.52 -19.14 5.06
CA GLU A 245 -17.31 -18.63 6.42
C GLU A 245 -15.97 -19.09 6.97
N PHE A 246 -15.55 -20.30 6.58
CA PHE A 246 -14.34 -20.91 7.10
C PHE A 246 -13.21 -20.94 6.08
N LEU A 247 -13.53 -20.66 4.83
CA LEU A 247 -12.52 -20.61 3.78
C LEU A 247 -11.80 -19.27 3.78
N TRP A 248 -12.58 -18.20 3.73
CA TRP A 248 -12.03 -16.86 3.70
C TRP A 248 -11.90 -16.32 5.12
N PHE A 249 -10.77 -16.62 5.75
CA PHE A 249 -10.48 -16.12 7.08
C PHE A 249 -9.87 -14.72 6.94
N ASN A 250 -10.71 -13.79 6.50
CA ASN A 250 -10.31 -12.40 6.33
C ASN A 250 -11.44 -11.49 6.82
N THR A 251 -11.46 -10.23 6.35
CA THR A 251 -12.48 -9.28 6.77
C THR A 251 -13.74 -9.39 5.90
N THR A 252 -13.54 -9.48 4.59
CA THR A 252 -14.65 -9.49 3.64
C THR A 252 -15.40 -10.81 3.63
N LYS A 253 -14.75 -11.88 4.09
CA LYS A 253 -15.27 -13.24 4.02
C LYS A 253 -15.48 -13.66 2.56
N LYS A 254 -14.82 -12.96 1.65
CA LYS A 254 -14.88 -13.26 0.22
C LYS A 254 -13.47 -13.45 -0.32
N LYS A 255 -13.35 -13.88 -1.57
CA LYS A 255 -12.04 -14.05 -2.17
C LYS A 255 -11.34 -12.70 -2.29
N PRO A 256 -10.00 -12.69 -2.18
CA PRO A 256 -9.26 -11.43 -2.27
C PRO A 256 -9.41 -10.76 -3.63
N LEU A 257 -9.63 -9.44 -3.63
CA LEU A 257 -9.59 -8.68 -4.87
C LEU A 257 -8.16 -8.67 -5.39
N VAL A 258 -7.99 -8.35 -6.66
CA VAL A 258 -6.67 -8.30 -7.28
C VAL A 258 -6.35 -6.90 -7.75
N PHE A 259 -5.29 -6.31 -7.17
CA PHE A 259 -4.79 -5.02 -7.60
C PHE A 259 -3.42 -5.22 -8.24
N VAL A 260 -3.03 -4.28 -9.10
CA VAL A 260 -1.67 -4.23 -9.63
C VAL A 260 -1.08 -2.86 -9.30
N LYS A 261 0.16 -2.86 -8.81
CA LYS A 261 0.85 -1.61 -8.51
C LYS A 261 1.79 -1.27 -9.65
N LEU A 262 1.68 -0.03 -10.13
CA LEU A 262 2.43 0.41 -11.30
C LEU A 262 3.50 1.42 -10.93
N ALA A 263 4.58 1.43 -11.70
CA ALA A 263 5.66 2.40 -11.53
C ALA A 263 5.36 3.64 -12.37
N PRO A 264 5.75 4.83 -11.88
CA PRO A 264 5.46 6.07 -12.60
C PRO A 264 6.39 6.30 -13.79
N ASP A 265 7.47 5.53 -13.86
CA ASP A 265 8.48 5.70 -14.89
C ASP A 265 8.14 4.95 -16.18
N LEU A 266 7.07 5.40 -16.83
CA LEU A 266 6.64 4.85 -18.11
C LEU A 266 6.33 5.99 -19.07
N ASN A 267 6.27 5.68 -20.36
CA ASN A 267 5.85 6.66 -21.37
C ASN A 267 4.36 6.53 -21.64
N GLN A 268 3.81 7.52 -22.35
CA GLN A 268 2.38 7.55 -22.64
C GLN A 268 1.92 6.25 -23.30
N GLU A 269 2.74 5.73 -24.20
CA GLU A 269 2.37 4.54 -24.96
C GLU A 269 2.28 3.31 -24.07
N GLN A 270 3.29 3.14 -23.21
CA GLN A 270 3.30 2.03 -22.26
C GLN A 270 2.07 2.06 -21.36
N LYS A 271 1.67 3.26 -20.95
CA LYS A 271 0.51 3.44 -20.09
C LYS A 271 -0.78 3.06 -20.83
N LYS A 272 -0.87 3.43 -22.10
CA LYS A 272 -2.01 3.06 -22.93
C LYS A 272 -2.13 1.55 -23.04
N GLU A 273 -1.01 0.89 -23.30
CA GLU A 273 -0.96 -0.55 -23.48
C GLU A 273 -1.42 -1.28 -22.23
N ILE A 274 -0.95 -0.82 -21.08
CA ILE A 274 -1.29 -1.45 -19.81
C ILE A 274 -2.77 -1.27 -19.47
N ALA A 275 -3.28 -0.06 -19.72
CA ALA A 275 -4.69 0.25 -19.47
C ALA A 275 -5.61 -0.75 -20.16
N ASP A 276 -5.26 -1.14 -21.39
CA ASP A 276 -6.06 -2.08 -22.15
C ASP A 276 -6.06 -3.46 -21.49
N VAL A 277 -4.90 -3.88 -21.00
CA VAL A 277 -4.77 -5.18 -20.34
C VAL A 277 -5.60 -5.23 -19.05
N LEU A 278 -5.61 -4.13 -18.31
CA LEU A 278 -6.38 -4.05 -17.07
C LEU A 278 -7.87 -4.29 -17.35
N LEU A 279 -8.36 -3.68 -18.42
CA LEU A 279 -9.75 -3.83 -18.80
C LEU A 279 -10.04 -5.24 -19.32
N GLU A 280 -9.14 -5.73 -20.16
CA GLU A 280 -9.27 -7.07 -20.72
C GLU A 280 -9.32 -8.15 -19.64
N THR A 281 -8.48 -8.01 -18.62
CA THR A 281 -8.40 -8.99 -17.55
C THR A 281 -9.39 -8.71 -16.43
N ASN A 282 -10.06 -7.56 -16.49
CA ASN A 282 -11.03 -7.17 -15.47
C ASN A 282 -10.38 -7.10 -14.09
N ILE A 283 -9.24 -6.43 -14.02
CA ILE A 283 -8.54 -6.23 -12.77
C ILE A 283 -9.41 -5.40 -11.83
N ASP A 284 -9.36 -5.69 -10.54
CA ASP A 284 -10.26 -5.07 -9.58
C ASP A 284 -9.83 -3.67 -9.19
N GLY A 285 -8.56 -3.35 -9.41
CA GLY A 285 -8.05 -2.03 -9.11
C GLY A 285 -6.60 -1.86 -9.47
N MET A 286 -6.11 -0.61 -9.42
CA MET A 286 -4.71 -0.33 -9.70
C MET A 286 -4.17 0.67 -8.70
N ILE A 287 -3.00 0.36 -8.16
CA ILE A 287 -2.32 1.22 -7.20
C ILE A 287 -1.36 2.13 -7.93
N ILE A 288 -1.64 3.43 -7.88
CA ILE A 288 -0.86 4.44 -8.58
C ILE A 288 -0.33 5.45 -7.56
N SER A 289 0.98 5.45 -7.26
CA SER A 289 1.98 4.61 -7.91
C SER A 289 3.13 4.24 -6.97
N ASN A 290 4.07 3.46 -7.50
CA ASN A 290 5.27 3.09 -6.77
C ASN A 290 6.30 4.22 -6.82
N THR A 291 7.47 3.98 -6.26
CA THR A 291 8.53 4.98 -6.25
C THR A 291 9.11 5.22 -7.64
N THR A 292 9.73 6.38 -7.83
CA THR A 292 10.31 6.76 -9.10
C THR A 292 11.83 6.86 -9.04
N THR A 293 12.46 6.92 -10.20
CA THR A 293 13.92 7.03 -10.30
C THR A 293 14.34 8.25 -11.14
N GLN A 294 13.38 9.11 -11.44
CA GLN A 294 13.61 10.25 -12.33
C GLN A 294 13.95 11.54 -11.56
N ILE A 295 14.05 11.41 -10.25
CA ILE A 295 14.35 12.56 -9.42
C ILE A 295 15.85 12.72 -9.14
N ASN A 296 16.39 13.74 -9.77
CA ASN A 296 17.79 14.11 -9.67
C ASN A 296 18.03 15.43 -8.98
N ASP A 297 16.97 16.04 -8.47
CA ASP A 297 17.04 17.35 -7.86
C ASP A 297 17.39 17.37 -6.39
N ILE A 298 17.63 16.24 -5.78
CA ILE A 298 17.93 16.20 -4.36
C ILE A 298 19.37 15.84 -4.16
N LYS A 299 20.12 16.81 -3.68
CA LYS A 299 21.55 16.70 -3.50
C LYS A 299 21.95 15.65 -2.54
N SER A 300 21.22 15.53 -1.47
CA SER A 300 21.54 14.54 -0.45
C SER A 300 21.43 13.11 -0.98
N PHE A 301 20.75 12.95 -2.12
CA PHE A 301 20.49 11.63 -2.70
C PHE A 301 21.31 11.37 -3.98
N GLU A 302 22.22 12.27 -4.31
CA GLU A 302 22.90 12.22 -5.60
C GLU A 302 23.84 11.01 -5.71
N ASN A 303 24.36 10.53 -4.59
CA ASN A 303 25.27 9.39 -4.57
C ASN A 303 24.57 8.07 -4.23
N LYS A 304 23.28 8.14 -3.94
CA LYS A 304 22.52 6.98 -3.47
C LYS A 304 21.66 6.36 -4.57
N LYS A 305 21.50 5.04 -4.49
CA LYS A 305 20.66 4.29 -5.43
C LYS A 305 19.30 3.99 -4.81
N GLY A 306 18.28 3.85 -5.65
CA GLY A 306 16.97 3.45 -5.20
C GLY A 306 15.82 4.25 -5.80
N GLY A 307 14.60 3.96 -5.34
CA GLY A 307 13.43 4.68 -5.76
C GLY A 307 13.06 5.76 -4.75
N VAL A 308 12.60 6.90 -5.24
CA VAL A 308 12.32 8.05 -4.39
C VAL A 308 10.84 8.15 -4.02
N SER A 309 10.57 8.51 -2.77
CA SER A 309 9.22 8.73 -2.27
C SER A 309 9.04 10.17 -1.80
N GLY A 310 7.81 10.52 -1.44
CA GLY A 310 7.53 11.76 -0.73
C GLY A 310 6.95 12.87 -1.58
N ALA A 311 7.15 14.10 -1.11
CA ALA A 311 6.56 15.28 -1.74
C ALA A 311 6.94 15.43 -3.20
N LYS A 312 8.19 15.13 -3.53
CA LYS A 312 8.67 15.26 -4.90
C LYS A 312 8.01 14.26 -5.85
N LEU A 313 7.36 13.28 -5.29
CA LEU A 313 6.70 12.30 -6.08
C LEU A 313 5.22 12.58 -6.27
N LYS A 314 4.70 13.52 -5.53
CA LYS A 314 3.27 13.79 -5.58
C LYS A 314 2.69 14.23 -6.89
N ASP A 315 3.26 15.21 -7.54
CA ASP A 315 2.73 15.66 -8.83
C ASP A 315 2.87 14.61 -9.90
N ILE A 316 3.98 13.91 -9.89
CA ILE A 316 4.19 12.86 -10.85
C ILE A 316 3.14 11.78 -10.65
N SER A 317 2.90 11.40 -9.41
CA SER A 317 1.90 10.39 -9.12
C SER A 317 0.49 10.80 -9.48
N THR A 318 0.14 12.03 -9.19
CA THR A 318 -1.18 12.54 -9.49
C THR A 318 -1.48 12.57 -10.97
N LYS A 319 -0.52 13.01 -11.76
CA LYS A 319 -0.70 13.06 -13.19
C LYS A 319 -0.93 11.66 -13.68
N PHE A 320 -0.20 10.72 -13.12
CA PHE A 320 -0.33 9.36 -13.52
C PHE A 320 -1.76 8.88 -13.27
N ILE A 321 -2.37 9.34 -12.18
CA ILE A 321 -3.73 8.97 -11.88
C ILE A 321 -4.71 9.47 -12.89
N CYS A 322 -4.62 10.74 -13.25
CA CYS A 322 -5.48 11.36 -14.27
C CYS A 322 -5.40 10.61 -15.60
N GLU A 323 -4.18 10.21 -15.97
CA GLU A 323 -3.96 9.53 -17.24
C GLU A 323 -4.61 8.15 -17.27
N MET A 324 -4.35 7.33 -16.25
CA MET A 324 -4.89 5.97 -16.18
C MET A 324 -6.39 6.00 -16.00
N TYR A 325 -6.87 6.99 -15.24
CA TYR A 325 -8.31 7.20 -15.07
C TYR A 325 -8.96 7.43 -16.43
N ASN A 326 -8.25 8.17 -17.29
CA ASN A 326 -8.74 8.46 -18.63
C ASN A 326 -8.60 7.25 -19.56
N TYR A 327 -7.39 6.70 -19.63
CA TYR A 327 -7.11 5.57 -20.50
C TYR A 327 -8.02 4.38 -20.22
N THR A 328 -8.42 4.21 -18.96
CA THR A 328 -9.24 3.08 -18.56
C THR A 328 -10.73 3.41 -18.55
N ASN A 329 -11.08 4.60 -19.00
CA ASN A 329 -12.48 5.01 -19.12
C ASN A 329 -13.21 4.97 -17.78
N LYS A 330 -12.48 5.34 -16.71
CA LYS A 330 -13.04 5.41 -15.37
C LYS A 330 -13.58 4.05 -14.87
N GLN A 331 -13.17 2.97 -15.52
CA GLN A 331 -13.73 1.65 -15.22
C GLN A 331 -12.97 0.90 -14.12
N ILE A 332 -11.69 1.23 -13.95
CA ILE A 332 -10.85 0.54 -12.98
C ILE A 332 -10.58 1.40 -11.74
N PRO A 333 -11.07 0.97 -10.56
CA PRO A 333 -10.83 1.71 -9.33
C PRO A 333 -9.35 1.97 -9.07
N ILE A 334 -9.04 3.08 -8.41
CA ILE A 334 -7.67 3.50 -8.21
C ILE A 334 -7.31 3.68 -6.73
N ILE A 335 -6.17 3.16 -6.35
CA ILE A 335 -5.62 3.26 -5.04
C ILE A 335 -4.45 4.19 -5.23
N ALA A 336 -4.43 5.28 -4.50
CA ALA A 336 -3.40 6.26 -4.65
C ALA A 336 -2.21 6.21 -3.75
N SER A 337 -1.05 6.34 -4.34
CA SER A 337 0.21 6.38 -3.62
C SER A 337 1.15 7.42 -4.19
N GLY A 338 1.86 8.10 -3.32
CA GLY A 338 2.79 9.10 -3.72
C GLY A 338 2.59 10.51 -3.24
N GLY A 339 3.40 10.87 -2.28
CA GLY A 339 3.36 12.18 -1.72
C GLY A 339 2.12 12.73 -1.09
N ILE A 340 1.38 11.91 -0.37
CA ILE A 340 0.18 12.39 0.29
C ILE A 340 0.52 12.74 1.70
N PHE A 341 0.40 14.01 2.02
CA PHE A 341 0.73 14.49 3.36
C PHE A 341 -0.45 15.21 4.02
N SER A 342 -1.17 16.00 3.23
CA SER A 342 -2.26 16.82 3.76
C SER A 342 -3.60 16.35 3.23
N GLY A 343 -4.68 16.85 3.83
CA GLY A 343 -6.01 16.59 3.35
C GLY A 343 -6.17 17.14 1.94
N LEU A 344 -5.46 18.24 1.68
CA LEU A 344 -5.46 18.83 0.35
C LEU A 344 -4.80 17.88 -0.63
N ASP A 345 -3.62 17.36 -0.26
CA ASP A 345 -2.93 16.37 -1.08
C ASP A 345 -3.83 15.18 -1.36
N ALA A 346 -4.63 14.81 -0.37
CA ALA A 346 -5.53 13.66 -0.50
C ALA A 346 -6.66 13.95 -1.48
N LEU A 347 -7.29 15.12 -1.33
CA LEU A 347 -8.39 15.49 -2.21
C LEU A 347 -7.90 15.64 -3.65
N GLU A 348 -6.64 16.00 -3.81
CA GLU A 348 -6.03 16.10 -5.14
C GLU A 348 -6.02 14.73 -5.81
N LYS A 349 -5.70 13.69 -5.06
CA LYS A 349 -5.72 12.35 -5.59
C LYS A 349 -7.11 11.88 -5.90
N ILE A 350 -8.03 12.29 -5.05
CA ILE A 350 -9.41 11.87 -5.19
C ILE A 350 -10.08 12.52 -6.39
N GLU A 351 -9.99 13.84 -6.49
CA GLU A 351 -10.51 14.57 -7.65
C GLU A 351 -9.84 14.10 -8.94
N ALA A 352 -8.64 13.54 -8.80
CA ALA A 352 -7.89 13.05 -9.96
C ALA A 352 -8.39 11.69 -10.44
N GLY A 353 -8.98 10.92 -9.53
CA GLY A 353 -9.61 9.65 -9.89
C GLY A 353 -9.47 8.54 -8.85
N ALA A 354 -8.77 8.81 -7.76
CA ALA A 354 -8.55 7.78 -6.74
C ALA A 354 -9.74 7.65 -5.80
N SER A 355 -10.06 6.40 -5.45
CA SER A 355 -11.12 6.12 -4.49
C SER A 355 -10.57 6.07 -3.06
N VAL A 356 -9.31 5.66 -2.95
CA VAL A 356 -8.66 5.50 -1.65
C VAL A 356 -7.21 5.95 -1.71
N CYS A 357 -6.67 6.35 -0.56
CA CYS A 357 -5.29 6.85 -0.45
C CYS A 357 -4.43 5.96 0.43
N GLN A 358 -3.15 5.86 0.07
CA GLN A 358 -2.16 5.15 0.88
C GLN A 358 -1.09 6.11 1.34
N LEU A 359 -0.69 6.01 2.60
CA LEU A 359 0.37 6.82 3.16
C LEU A 359 1.62 6.00 3.44
N TYR A 360 2.78 6.61 3.25
CA TYR A 360 4.04 6.03 3.73
C TYR A 360 4.92 7.15 4.24
N SER A 361 5.35 8.03 3.33
CA SER A 361 6.22 9.14 3.67
C SER A 361 5.62 10.02 4.77
N CYS A 362 4.29 10.10 4.78
CA CYS A 362 3.59 10.94 5.75
C CYS A 362 3.92 10.52 7.17
N LEU A 363 3.88 9.21 7.43
CA LEU A 363 4.17 8.69 8.76
C LEU A 363 5.61 8.96 9.15
N VAL A 364 6.50 8.98 8.16
CA VAL A 364 7.92 9.19 8.41
C VAL A 364 8.21 10.59 8.93
N PHE A 365 7.42 11.57 8.48
CA PHE A 365 7.67 12.97 8.81
C PHE A 365 6.64 13.57 9.78
N ASN A 366 5.41 13.05 9.76
CA ASN A 366 4.37 13.57 10.64
C ASN A 366 4.17 12.72 11.90
N GLY A 367 4.57 11.46 11.84
CA GLY A 367 4.56 10.59 13.00
C GLY A 367 3.22 9.94 13.29
N MET A 368 3.02 9.58 14.56
CA MET A 368 1.84 8.82 14.99
C MET A 368 0.51 9.47 14.60
N LYS A 369 0.49 10.79 14.53
CA LYS A 369 -0.75 11.53 14.33
C LYS A 369 -1.20 11.58 12.88
N SER A 370 -0.45 10.96 11.99
CA SER A 370 -0.67 11.10 10.54
C SER A 370 -2.10 10.82 10.11
N ALA A 371 -2.71 9.77 10.67
CA ALA A 371 -4.04 9.36 10.26
C ALA A 371 -5.12 10.29 10.82
N VAL A 372 -5.04 10.65 12.09
CA VAL A 372 -6.07 11.49 12.70
C VAL A 372 -6.01 12.88 12.10
N GLN A 373 -4.80 13.36 11.84
CA GLN A 373 -4.61 14.69 11.27
C GLN A 373 -5.17 14.77 9.86
N ILE A 374 -4.76 13.84 9.00
CA ILE A 374 -5.12 13.92 7.59
C ILE A 374 -6.60 13.62 7.37
N LYS A 375 -7.19 12.80 8.24
CA LYS A 375 -8.61 12.53 8.19
C LYS A 375 -9.39 13.78 8.54
N ARG A 376 -8.94 14.49 9.56
CA ARG A 376 -9.56 15.74 9.99
C ARG A 376 -9.50 16.77 8.87
N GLU A 377 -8.31 16.96 8.31
CA GLU A 377 -8.10 17.94 7.25
C GLU A 377 -8.98 17.66 6.04
N LEU A 378 -9.11 16.40 5.67
CA LEU A 378 -9.91 16.03 4.51
C LEU A 378 -11.39 16.25 4.79
N ASN A 379 -11.82 15.93 6.01
CA ASN A 379 -13.22 16.12 6.38
C ASN A 379 -13.63 17.59 6.27
N HIS A 380 -12.80 18.48 6.77
CA HIS A 380 -13.08 19.90 6.73
C HIS A 380 -13.05 20.43 5.30
N LEU A 381 -12.22 19.81 4.46
CA LEU A 381 -12.04 20.28 3.10
C LEU A 381 -13.19 19.84 2.20
N LEU A 382 -13.76 18.67 2.47
CA LEU A 382 -14.92 18.18 1.72
C LEU A 382 -16.13 19.07 1.98
N TYR A 383 -16.18 19.65 3.17
CA TYR A 383 -17.29 20.51 3.57
C TYR A 383 -17.19 21.87 2.88
N GLN A 384 -16.00 22.46 2.87
CA GLN A 384 -15.77 23.74 2.21
C GLN A 384 -16.11 23.67 0.72
N ARG A 385 -15.59 22.63 0.06
CA ARG A 385 -15.75 22.46 -1.38
C ARG A 385 -17.16 22.04 -1.75
N GLY A 386 -18.04 21.92 -0.76
CA GLY A 386 -19.45 21.66 -1.00
C GLY A 386 -19.72 20.25 -1.50
N TYR A 387 -18.88 19.30 -1.09
CA TYR A 387 -19.12 17.88 -1.38
C TYR A 387 -20.04 17.28 -0.33
N TYR A 388 -20.98 16.44 -0.78
CA TYR A 388 -21.85 15.72 0.15
C TYR A 388 -21.04 14.66 0.89
N ASN A 389 -20.26 13.89 0.14
CA ASN A 389 -19.41 12.85 0.71
C ASN A 389 -18.15 12.69 -0.14
N LEU A 390 -17.28 11.75 0.23
CA LEU A 390 -16.05 11.51 -0.51
C LEU A 390 -16.32 10.99 -1.91
N LYS A 391 -17.22 10.02 -2.02
CA LYS A 391 -17.51 9.35 -3.28
C LYS A 391 -17.94 10.32 -4.38
N GLU A 392 -18.56 11.43 -3.97
CA GLU A 392 -19.02 12.45 -4.90
C GLU A 392 -17.84 13.20 -5.54
N ALA A 393 -16.71 13.23 -4.84
CA ALA A 393 -15.55 14.01 -5.28
C ALA A 393 -14.62 13.24 -6.21
N ILE A 394 -14.83 11.93 -6.33
CA ILE A 394 -13.92 11.08 -7.09
C ILE A 394 -13.97 11.41 -8.57
N GLY A 395 -12.86 11.90 -9.10
CA GLY A 395 -12.72 12.16 -10.53
C GLY A 395 -13.42 13.42 -11.00
N ARG A 396 -13.52 14.43 -10.13
CA ARG A 396 -14.21 15.67 -10.48
C ARG A 396 -13.36 16.56 -11.37
N LYS A 397 -12.04 16.58 -11.13
CA LYS A 397 -11.13 17.38 -11.94
C LYS A 397 -10.42 16.51 -12.96
#